data_4FYP
#
_entry.id   4FYP
#
_cell.length_a   122.328
_cell.length_b   49.182
_cell.length_c   84.905
_cell.angle_alpha   90.00
_cell.angle_beta   116.09
_cell.angle_gamma   90.00
#
_symmetry.space_group_name_H-M   'C 1 2 1'
#
loop_
_entity.id
_entity.type
_entity.pdbx_description
1 polymer 'Vegetative storage protein 1'
2 non-polymer 'MAGNESIUM ION'
3 water water
#
_entity_poly.entity_id   1
_entity_poly.type   'polypeptide(L)'
_entity_poly.pdbx_seq_one_letter_code
;VSHVQSSASVPGLIELLESNTIFGNEAELLEKEGLSINYPNCRSWHLGVETSNIINFDTVPANCKAYVEDYLITSKQYQY
DSKTVNKEAYFYAKGLALKNDTVNVWIFDLDDTLLSSIPYYAKYGYGTENTAPGAYWSWLESGESTPGLPETLHLYENLL
ELGIEPIIISDRWKKLSEVTVENLKAVGVTKWKHLILKPNGSKLTQVVYKSKVRNSLVKKGYNIVGNIGDQWADLVEDTP
GRVFKLPNPLYYVPSLEHHHHHH
;
_entity_poly.pdbx_strand_id   A,B
#
loop_
_chem_comp.id
_chem_comp.type
_chem_comp.name
_chem_comp.formula
MG non-polymer 'MAGNESIUM ION' 'Mg 2'
#
# COMPACT_ATOMS: atom_id res chain seq x y z
N GLY A 34 -1.22 4.02 24.42
CA GLY A 34 -0.38 4.97 25.19
C GLY A 34 1.05 5.12 24.67
N LEU A 35 1.75 4.00 24.50
CA LEU A 35 3.17 3.98 24.11
C LEU A 35 3.46 4.87 22.88
N SER A 36 4.16 5.98 23.09
CA SER A 36 4.58 6.82 21.95
C SER A 36 5.42 6.00 20.94
N ILE A 37 5.62 6.56 19.75
CA ILE A 37 6.52 6.00 18.74
C ILE A 37 7.18 7.20 18.04
N ASN A 38 8.50 7.17 17.85
CA ASN A 38 9.20 8.35 17.28
C ASN A 38 9.32 8.42 15.75
N TYR A 39 8.76 9.48 15.16
CA TYR A 39 8.75 9.70 13.71
C TYR A 39 9.28 11.08 13.38
N PRO A 40 10.61 11.21 13.22
CA PRO A 40 11.18 12.55 13.01
C PRO A 40 10.93 13.13 11.62
N ASN A 41 10.53 12.29 10.67
CA ASN A 41 10.16 12.72 9.35
C ASN A 41 8.70 12.40 9.06
N CYS A 42 7.88 13.45 8.95
CA CYS A 42 6.43 13.27 8.85
C CYS A 42 6.03 12.65 7.54
N ARG A 43 6.79 12.98 6.49
CA ARG A 43 6.50 12.48 5.17
C ARG A 43 6.75 10.97 5.12
N SER A 44 7.79 10.51 5.81
CA SER A 44 8.12 9.09 5.86
C SER A 44 7.04 8.33 6.64
N TRP A 45 6.57 8.97 7.71
CA TRP A 45 5.45 8.45 8.48
C TRP A 45 4.23 8.30 7.64
N HIS A 46 3.88 9.36 6.89
CA HIS A 46 2.71 9.29 6.03
C HIS A 46 2.82 8.22 4.97
N LEU A 47 3.97 8.10 4.32
CA LEU A 47 4.12 7.04 3.32
C LEU A 47 3.91 5.69 4.01
N GLY A 48 4.42 5.56 5.23
CA GLY A 48 4.26 4.29 6.02
C GLY A 48 2.80 3.93 6.25
N VAL A 49 1.98 4.94 6.60
CA VAL A 49 0.56 4.69 6.84
C VAL A 49 -0.18 4.39 5.54
N GLU A 50 0.16 5.08 4.44
CA GLU A 50 -0.51 4.82 3.15
C GLU A 50 -0.23 3.44 2.62
N THR A 51 1.01 2.98 2.84
CA THR A 51 1.39 1.64 2.39
C THR A 51 0.96 0.52 3.32
N SER A 52 0.52 0.86 4.54
CA SER A 52 0.24 -0.14 5.60
C SER A 52 1.53 -0.76 6.19
N ASN A 53 2.68 -0.09 5.99
CA ASN A 53 3.87 -0.48 6.72
C ASN A 53 3.70 -0.06 8.17
N ILE A 54 2.98 1.07 8.37
CA ILE A 54 2.56 1.48 9.69
C ILE A 54 1.07 1.27 9.84
N ILE A 55 0.67 0.56 10.91
CA ILE A 55 -0.74 0.22 11.05
C ILE A 55 -1.28 0.56 12.43
N ASN A 56 -2.62 0.76 12.49
CA ASN A 56 -3.37 0.92 13.74
C ASN A 56 -2.80 2.01 14.63
N PHE A 57 -2.38 3.12 14.06
CA PHE A 57 -2.00 4.23 14.91
C PHE A 57 -3.23 4.84 15.58
N ASP A 58 -3.04 5.32 16.80
CA ASP A 58 -4.13 5.82 17.63
C ASP A 58 -4.40 7.29 17.31
N THR A 59 -3.34 8.08 17.23
CA THR A 59 -3.40 9.48 16.82
C THR A 59 -2.21 9.77 15.90
N VAL A 60 -2.34 10.83 15.11
CA VAL A 60 -1.23 11.36 14.33
C VAL A 60 -0.11 11.79 15.28
N PRO A 61 1.18 11.44 14.98
CA PRO A 61 2.32 11.88 15.77
C PRO A 61 2.24 13.38 16.00
N ALA A 62 2.37 13.81 17.26
CA ALA A 62 2.13 15.21 17.64
C ALA A 62 3.00 16.17 16.85
N ASN A 63 4.23 15.76 16.52
CA ASN A 63 5.11 16.60 15.69
C ASN A 63 4.69 16.73 14.23
N CYS A 64 3.67 15.97 13.81
CA CYS A 64 3.22 15.97 12.39
C CYS A 64 1.95 16.78 12.12
N LYS A 65 1.50 17.53 13.13
CA LYS A 65 0.35 18.41 12.98
C LYS A 65 0.49 19.38 11.80
N ALA A 66 1.61 20.10 11.75
CA ALA A 66 1.86 21.06 10.68
C ALA A 66 1.88 20.37 9.32
N TYR A 67 2.54 19.21 9.27
CA TYR A 67 2.65 18.45 8.03
C TYR A 67 1.27 18.09 7.46
N VAL A 68 0.40 17.55 8.30
CA VAL A 68 -0.94 17.09 7.88
C VAL A 68 -1.77 18.26 7.36
N GLU A 69 -1.80 19.34 8.13
CA GLU A 69 -2.52 20.55 7.71
C GLU A 69 -1.98 21.02 6.34
N ASP A 70 -0.66 21.04 6.22
CA ASP A 70 -0.03 21.43 4.98
C ASP A 70 -0.36 20.48 3.82
N TYR A 71 -0.36 19.18 4.10
CA TYR A 71 -0.64 18.17 3.08
C TYR A 71 -2.07 18.30 2.57
N LEU A 72 -3.01 18.43 3.50
CA LEU A 72 -4.43 18.39 3.16
C LEU A 72 -4.93 19.71 2.56
N ILE A 73 -4.39 20.83 3.03
CA ILE A 73 -4.91 22.14 2.62
C ILE A 73 -3.91 23.01 1.85
N THR A 74 -2.89 23.52 2.55
CA THR A 74 -1.94 24.48 2.00
C THR A 74 -1.30 24.10 0.66
N SER A 75 -0.66 22.93 0.63
CA SER A 75 0.18 22.51 -0.48
C SER A 75 -0.60 22.00 -1.66
N LYS A 76 -1.88 21.67 -1.45
CA LYS A 76 -2.68 20.96 -2.43
C LYS A 76 -2.18 19.52 -2.80
N GLN A 77 -1.23 18.98 -2.05
CA GLN A 77 -0.69 17.61 -2.39
C GLN A 77 -1.80 16.54 -2.29
N TYR A 78 -2.65 16.69 -1.30
CA TYR A 78 -3.82 15.80 -1.12
C TYR A 78 -4.66 15.79 -2.37
N GLN A 79 -4.96 16.98 -2.89
CA GLN A 79 -5.70 17.11 -4.13
C GLN A 79 -5.02 16.43 -5.32
N TYR A 80 -3.72 16.68 -5.50
CA TYR A 80 -2.99 16.08 -6.61
C TYR A 80 -2.92 14.56 -6.45
N ASP A 81 -2.70 14.09 -5.22
CA ASP A 81 -2.68 12.62 -4.95
C ASP A 81 -4.03 11.97 -5.26
N SER A 82 -5.11 12.61 -4.81
CA SER A 82 -6.47 12.11 -5.05
C SER A 82 -6.85 12.08 -6.53
N LYS A 83 -6.44 13.13 -7.24
CA LYS A 83 -6.68 13.24 -8.66
C LYS A 83 -6.05 12.02 -9.36
N THR A 84 -4.79 11.74 -9.02
CA THR A 84 -4.07 10.64 -9.64
C THR A 84 -4.79 9.32 -9.38
N VAL A 85 -5.20 9.09 -8.13
CA VAL A 85 -5.87 7.81 -7.81
C VAL A 85 -7.17 7.68 -8.61
N ASN A 86 -8.02 8.71 -8.59
CA ASN A 86 -9.31 8.64 -9.29
C ASN A 86 -9.16 8.50 -10.81
N LYS A 87 -8.15 9.17 -11.35
CA LYS A 87 -7.78 9.00 -12.78
C LYS A 87 -7.42 7.56 -13.14
N GLU A 88 -6.60 6.88 -12.33
CA GLU A 88 -6.26 5.45 -12.66
C GLU A 88 -7.48 4.60 -12.62
N ALA A 89 -8.33 4.83 -11.62
CA ALA A 89 -9.55 4.08 -11.44
C ALA A 89 -10.43 4.21 -12.69
N TYR A 90 -10.59 5.45 -13.13
CA TYR A 90 -11.42 5.73 -14.32
C TYR A 90 -10.84 5.07 -15.60
N PHE A 91 -9.53 5.20 -15.79
CA PHE A 91 -8.93 4.60 -16.99
C PHE A 91 -8.99 3.08 -16.96
N TYR A 92 -8.84 2.50 -15.77
CA TYR A 92 -9.15 1.07 -15.58
C TYR A 92 -10.60 0.72 -15.93
N ALA A 93 -11.57 1.47 -15.38
CA ALA A 93 -12.99 1.18 -15.63
C ALA A 93 -13.34 1.29 -17.13
N LYS A 94 -12.84 2.34 -17.78
CA LYS A 94 -13.01 2.54 -19.23
C LYS A 94 -12.60 1.32 -20.04
N GLY A 95 -11.57 0.61 -19.57
CA GLY A 95 -11.04 -0.53 -20.31
C GLY A 95 -11.74 -1.87 -20.11
N LEU A 96 -12.81 -1.93 -19.29
CA LEU A 96 -13.46 -3.20 -19.00
C LEU A 96 -14.52 -3.52 -20.04
N ALA A 97 -14.64 -4.79 -20.39
CA ALA A 97 -15.71 -5.25 -21.26
C ALA A 97 -16.82 -5.70 -20.31
N LEU A 98 -17.84 -4.86 -20.17
CA LEU A 98 -18.93 -5.14 -19.21
C LEU A 98 -20.19 -5.58 -19.95
N LYS A 99 -20.82 -6.67 -19.50
CA LYS A 99 -22.05 -7.17 -20.15
C LYS A 99 -23.28 -6.37 -19.71
N ASN A 100 -24.16 -6.09 -20.67
CA ASN A 100 -25.42 -5.37 -20.42
C ASN A 100 -26.36 -6.08 -19.45
N ASP A 101 -26.37 -7.40 -19.50
CA ASP A 101 -27.30 -8.23 -18.74
C ASP A 101 -26.81 -8.54 -17.32
N THR A 102 -25.59 -8.10 -16.99
CA THR A 102 -24.97 -8.33 -15.71
C THR A 102 -25.06 -7.04 -14.94
N VAL A 103 -25.33 -7.12 -13.65
CA VAL A 103 -25.34 -5.90 -12.84
C VAL A 103 -23.89 -5.62 -12.41
N ASN A 104 -23.27 -4.64 -13.07
CA ASN A 104 -21.85 -4.32 -12.85
C ASN A 104 -21.73 -3.15 -11.87
N VAL A 105 -21.10 -3.38 -10.73
CA VAL A 105 -21.12 -2.37 -9.66
C VAL A 105 -19.72 -1.87 -9.28
N TRP A 106 -19.66 -0.67 -8.69
CA TRP A 106 -18.41 -0.17 -8.15
C TRP A 106 -18.66 0.20 -6.72
N ILE A 107 -17.81 -0.26 -5.79
CA ILE A 107 -18.00 0.03 -4.38
CA ILE A 107 -17.97 -0.01 -4.36
C ILE A 107 -17.30 1.32 -4.00
N PHE A 108 -18.07 2.22 -3.37
CA PHE A 108 -17.52 3.45 -2.81
C PHE A 108 -17.65 3.39 -1.29
N ASP A 109 -16.61 3.87 -0.63
CA ASP A 109 -16.70 4.22 0.78
C ASP A 109 -17.36 5.61 0.84
N LEU A 110 -17.72 6.08 2.03
CA LEU A 110 -18.34 7.38 2.17
C LEU A 110 -17.39 8.38 2.82
N ASP A 111 -17.12 8.24 4.12
CA ASP A 111 -16.28 9.22 4.82
C ASP A 111 -14.81 9.21 4.37
N ASP A 112 -14.34 10.40 3.96
CA ASP A 112 -13.03 10.62 3.41
C ASP A 112 -12.76 9.91 2.07
N THR A 113 -13.86 9.45 1.44
CA THR A 113 -13.87 9.03 0.06
C THR A 113 -14.77 9.95 -0.79
N LEU A 114 -16.06 10.06 -0.43
CA LEU A 114 -16.98 10.98 -1.15
C LEU A 114 -17.17 12.29 -0.39
N LEU A 115 -17.21 12.18 0.94
CA LEU A 115 -17.40 13.34 1.86
C LEU A 115 -16.28 13.42 2.86
N SER A 116 -15.81 14.64 3.09
CA SER A 116 -14.60 14.89 3.86
C SER A 116 -14.85 15.16 5.33
N SER A 117 -14.07 14.49 6.18
CA SER A 117 -14.12 14.72 7.61
C SER A 117 -13.16 15.84 8.04
N ILE A 118 -12.48 16.47 7.09
CA ILE A 118 -11.48 17.51 7.42
C ILE A 118 -11.98 18.65 8.36
N PRO A 119 -13.15 19.26 8.09
CA PRO A 119 -13.63 20.30 9.00
C PRO A 119 -13.73 19.84 10.47
N TYR A 120 -14.09 18.58 10.68
CA TYR A 120 -14.13 18.02 12.04
C TYR A 120 -12.72 17.87 12.62
N TYR A 121 -11.84 17.18 11.92
CA TYR A 121 -10.48 16.98 12.44
C TYR A 121 -9.68 18.24 12.60
N ALA A 122 -9.96 19.26 11.79
CA ALA A 122 -9.28 20.55 11.90
C ALA A 122 -9.54 21.19 13.28
N LYS A 123 -10.61 20.77 13.93
CA LYS A 123 -10.94 21.25 15.27
C LYS A 123 -10.13 20.52 16.33
N TYR A 124 -9.59 19.36 15.98
CA TYR A 124 -8.91 18.52 16.95
C TYR A 124 -7.48 18.20 16.55
N GLY A 125 -6.76 19.24 16.11
CA GLY A 125 -5.34 19.13 15.82
C GLY A 125 -4.97 18.21 14.67
N TYR A 126 -5.92 18.03 13.74
CA TYR A 126 -5.69 17.31 12.50
C TYR A 126 -5.28 15.86 12.77
N GLY A 127 -6.00 15.23 13.69
CA GLY A 127 -5.75 13.83 14.05
C GLY A 127 -4.73 13.62 15.16
N THR A 128 -4.08 14.69 15.62
CA THR A 128 -3.06 14.58 16.67
C THR A 128 -3.64 14.50 18.10
N GLU A 129 -4.94 14.76 18.23
CA GLU A 129 -5.62 14.68 19.53
C GLU A 129 -6.62 13.54 19.60
N ASN A 130 -6.82 13.00 20.81
CA ASN A 130 -7.84 11.98 21.04
C ASN A 130 -9.24 12.53 20.90
N THR A 131 -10.08 11.81 20.18
CA THR A 131 -11.49 12.14 20.06
C THR A 131 -12.31 10.97 20.58
N ALA A 132 -13.27 11.26 21.47
CA ALA A 132 -14.17 10.23 22.01
C ALA A 132 -14.85 9.48 20.87
N PRO A 133 -15.02 8.15 21.00
CA PRO A 133 -15.81 7.49 19.98
C PRO A 133 -17.27 7.96 20.10
N GLY A 134 -17.94 8.05 18.97
CA GLY A 134 -19.27 8.65 18.94
C GLY A 134 -19.24 10.14 18.71
N ALA A 135 -18.12 10.79 18.98
CA ALA A 135 -18.02 12.26 18.83
C ALA A 135 -18.21 12.70 17.37
N TYR A 136 -17.58 11.96 16.44
CA TYR A 136 -17.74 12.24 15.02
C TYR A 136 -19.20 12.02 14.59
N TRP A 137 -19.77 10.86 14.94
CA TRP A 137 -21.17 10.55 14.60
C TRP A 137 -22.14 11.56 15.16
N SER A 138 -21.84 12.06 16.36
CA SER A 138 -22.66 13.12 16.99
C SER A 138 -22.53 14.42 16.20
N TRP A 139 -21.31 14.71 15.78
CA TRP A 139 -21.06 15.89 14.96
C TRP A 139 -21.84 15.82 13.66
N LEU A 140 -21.84 14.67 12.97
CA LEU A 140 -22.68 14.47 11.77
C LEU A 140 -24.18 14.60 12.03
N GLU A 141 -24.61 14.04 13.16
CA GLU A 141 -26.04 13.99 13.49
C GLU A 141 -26.64 15.39 13.59
N SER A 142 -25.84 16.31 14.13
CA SER A 142 -26.26 17.71 14.31
C SER A 142 -26.45 18.46 13.00
N GLY A 143 -26.08 17.83 11.88
CA GLY A 143 -26.28 18.40 10.54
C GLY A 143 -25.12 19.25 10.06
N GLU A 144 -23.94 19.02 10.63
CA GLU A 144 -22.70 19.63 10.18
C GLU A 144 -22.41 19.24 8.73
N SER A 145 -21.80 20.15 7.98
CA SER A 145 -21.49 19.87 6.57
C SER A 145 -20.20 19.07 6.42
N THR A 146 -20.26 18.03 5.61
CA THR A 146 -19.03 17.45 5.12
C THR A 146 -18.90 17.82 3.63
N PRO A 147 -17.89 18.63 3.28
CA PRO A 147 -17.63 19.01 1.88
C PRO A 147 -17.39 17.78 0.98
N GLY A 148 -17.77 17.87 -0.29
CA GLY A 148 -17.50 16.78 -1.25
C GLY A 148 -16.00 16.70 -1.52
N LEU A 149 -15.53 15.51 -1.92
CA LEU A 149 -14.18 15.34 -2.45
C LEU A 149 -14.29 15.26 -3.98
N PRO A 150 -13.99 16.39 -4.65
CA PRO A 150 -14.34 16.56 -6.06
C PRO A 150 -13.70 15.52 -7.01
N GLU A 151 -12.49 15.07 -6.69
CA GLU A 151 -11.81 14.10 -7.55
C GLU A 151 -12.56 12.77 -7.52
N THR A 152 -13.07 12.38 -6.35
CA THR A 152 -13.87 11.16 -6.28
C THR A 152 -15.24 11.36 -6.92
N LEU A 153 -15.79 12.55 -6.72
CA LEU A 153 -17.07 12.90 -7.36
C LEU A 153 -16.96 12.81 -8.89
N HIS A 154 -15.81 13.19 -9.45
CA HIS A 154 -15.62 13.10 -10.91
C HIS A 154 -15.61 11.66 -11.33
N LEU A 155 -14.92 10.83 -10.55
CA LEU A 155 -14.93 9.41 -10.85
C LEU A 155 -16.34 8.85 -10.77
N TYR A 156 -17.07 9.17 -9.70
CA TYR A 156 -18.44 8.68 -9.53
C TYR A 156 -19.32 9.03 -10.75
N GLU A 157 -19.30 10.30 -11.15
CA GLU A 157 -20.03 10.73 -12.37
C GLU A 157 -19.63 9.99 -13.64
N ASN A 158 -18.32 9.79 -13.83
CA ASN A 158 -17.80 9.11 -15.03
C ASN A 158 -18.20 7.64 -15.06
N LEU A 159 -18.24 6.99 -13.89
CA LEU A 159 -18.65 5.58 -13.85
C LEU A 159 -20.11 5.43 -14.22
N LEU A 160 -20.96 6.35 -13.78
CA LEU A 160 -22.38 6.34 -14.17
C LEU A 160 -22.50 6.40 -15.69
N GLU A 161 -21.71 7.24 -16.33
CA GLU A 161 -21.70 7.34 -17.81
C GLU A 161 -21.33 6.02 -18.51
N LEU A 162 -20.50 5.19 -17.87
CA LEU A 162 -20.10 3.89 -18.41
C LEU A 162 -21.11 2.78 -18.15
N GLY A 163 -22.22 3.11 -17.49
CA GLY A 163 -23.22 2.11 -17.12
C GLY A 163 -22.88 1.21 -15.92
N ILE A 164 -21.89 1.63 -15.14
CA ILE A 164 -21.47 0.90 -13.91
C ILE A 164 -22.32 1.52 -12.81
N GLU A 165 -22.86 0.68 -11.93
CA GLU A 165 -23.79 1.15 -10.92
C GLU A 165 -23.08 1.25 -9.59
N PRO A 166 -22.94 2.46 -9.07
CA PRO A 166 -22.25 2.59 -7.78
C PRO A 166 -23.07 2.08 -6.60
N ILE A 167 -22.38 1.43 -5.64
CA ILE A 167 -22.94 1.07 -4.33
C ILE A 167 -22.08 1.74 -3.24
N ILE A 168 -22.71 2.51 -2.37
CA ILE A 168 -21.98 3.17 -1.30
C ILE A 168 -22.16 2.37 -0.02
N ILE A 169 -21.04 1.90 0.53
CA ILE A 169 -21.05 1.19 1.80
C ILE A 169 -20.38 2.07 2.85
N SER A 170 -21.14 2.39 3.89
CA SER A 170 -20.68 3.29 4.96
C SER A 170 -20.83 2.66 6.33
N ASP A 171 -19.88 2.94 7.22
CA ASP A 171 -19.93 2.49 8.61
CA ASP A 171 -19.95 2.49 8.61
C ASP A 171 -20.81 3.43 9.47
N ARG A 172 -21.24 4.56 8.90
CA ARG A 172 -22.23 5.40 9.60
C ARG A 172 -23.42 4.55 10.00
N TRP A 173 -23.91 4.73 11.23
CA TRP A 173 -25.16 4.07 11.67
C TRP A 173 -26.33 4.52 10.85
N LYS A 174 -27.30 3.61 10.65
CA LYS A 174 -28.55 3.90 9.94
C LYS A 174 -29.26 5.20 10.39
N LYS A 175 -29.16 5.52 11.66
CA LYS A 175 -29.81 6.75 12.16
C LYS A 175 -29.25 8.03 11.52
N LEU A 176 -28.12 7.92 10.82
CA LEU A 176 -27.54 9.07 10.13
C LEU A 176 -27.97 9.11 8.65
N SER A 177 -28.91 8.25 8.27
CA SER A 177 -29.34 8.12 6.87
CA SER A 177 -29.34 8.12 6.87
C SER A 177 -29.85 9.43 6.28
N GLU A 178 -30.68 10.17 7.03
CA GLU A 178 -31.15 11.44 6.49
C GLU A 178 -30.07 12.50 6.28
N VAL A 179 -29.24 12.81 7.29
CA VAL A 179 -28.13 13.78 7.06
C VAL A 179 -27.17 13.28 5.98
N THR A 180 -26.96 11.95 5.91
CA THR A 180 -26.09 11.41 4.85
C THR A 180 -26.64 11.70 3.43
N VAL A 181 -27.89 11.35 3.19
CA VAL A 181 -28.54 11.62 1.91
C VAL A 181 -28.52 13.12 1.57
N GLU A 182 -28.78 13.97 2.56
CA GLU A 182 -28.69 15.43 2.33
C GLU A 182 -27.30 15.90 1.93
N ASN A 183 -26.27 15.41 2.62
CA ASN A 183 -24.91 15.81 2.28
CA ASN A 183 -24.91 15.78 2.29
C ASN A 183 -24.50 15.24 0.91
N LEU A 184 -24.94 14.02 0.59
CA LEU A 184 -24.66 13.51 -0.75
C LEU A 184 -25.32 14.32 -1.87
N LYS A 185 -26.60 14.62 -1.70
CA LYS A 185 -27.34 15.42 -2.66
C LYS A 185 -26.66 16.79 -2.82
N ALA A 186 -26.18 17.33 -1.72
CA ALA A 186 -25.60 18.69 -1.71
C ALA A 186 -24.30 18.79 -2.54
N VAL A 187 -23.62 17.65 -2.71
CA VAL A 187 -22.35 17.61 -3.47
C VAL A 187 -22.52 16.96 -4.84
N GLY A 188 -23.77 16.71 -5.23
CA GLY A 188 -24.08 16.30 -6.59
C GLY A 188 -24.18 14.81 -6.84
N VAL A 189 -24.24 14.03 -5.76
CA VAL A 189 -24.41 12.57 -5.85
C VAL A 189 -25.87 12.19 -5.61
N THR A 190 -26.49 11.50 -6.57
CA THR A 190 -27.92 11.12 -6.47
C THR A 190 -28.24 9.68 -6.86
N LYS A 191 -27.71 9.25 -8.01
CA LYS A 191 -27.98 7.92 -8.50
C LYS A 191 -26.98 6.97 -7.87
N TRP A 192 -27.44 6.18 -6.92
CA TRP A 192 -26.72 4.98 -6.49
C TRP A 192 -27.68 3.87 -6.59
N LYS A 193 -27.14 2.67 -6.80
CA LYS A 193 -27.91 1.45 -6.74
C LYS A 193 -28.39 1.19 -5.30
N HIS A 194 -27.45 1.22 -4.35
CA HIS A 194 -27.74 1.08 -2.93
C HIS A 194 -26.89 2.02 -2.14
N LEU A 195 -27.43 2.50 -1.04
CA LEU A 195 -26.64 3.19 -0.03
C LEU A 195 -26.83 2.34 1.23
N ILE A 196 -25.74 1.77 1.71
CA ILE A 196 -25.81 0.80 2.78
C ILE A 196 -25.09 1.37 4.01
N LEU A 197 -25.87 1.60 5.06
CA LEU A 197 -25.35 2.00 6.39
C LEU A 197 -25.44 0.84 7.39
N LYS A 198 -24.71 1.01 8.49
CA LYS A 198 -24.53 -0.02 9.49
C LYS A 198 -25.70 0.02 10.47
N PRO A 199 -26.25 -1.15 10.82
CA PRO A 199 -27.29 -1.24 11.84
C PRO A 199 -26.92 -0.45 13.11
N ASN A 200 -27.90 0.29 13.62
CA ASN A 200 -27.74 1.06 14.84
C ASN A 200 -27.16 0.22 15.99
N GLY A 201 -26.13 0.74 16.63
CA GLY A 201 -25.44 0.04 17.73
C GLY A 201 -24.66 -1.24 17.41
N SER A 202 -24.52 -1.59 16.13
CA SER A 202 -23.85 -2.86 15.74
C SER A 202 -22.48 -3.02 16.39
N LYS A 203 -22.16 -4.23 16.84
CA LYS A 203 -20.87 -4.45 17.50
C LYS A 203 -19.78 -4.97 16.54
N LEU A 204 -20.04 -4.95 15.23
CA LEU A 204 -19.04 -5.36 14.25
C LEU A 204 -17.97 -4.29 14.03
N THR A 205 -16.74 -4.73 13.80
CA THR A 205 -15.71 -3.79 13.37
C THR A 205 -16.04 -3.36 11.95
N GLN A 206 -15.52 -2.21 11.53
CA GLN A 206 -15.73 -1.76 10.17
C GLN A 206 -15.32 -2.77 9.11
N VAL A 207 -14.15 -3.39 9.29
CA VAL A 207 -13.63 -4.31 8.26
C VAL A 207 -14.55 -5.51 8.11
N VAL A 208 -15.06 -6.01 9.23
CA VAL A 208 -15.89 -7.21 9.19
C VAL A 208 -17.28 -6.86 8.61
N TYR A 209 -17.84 -5.75 9.05
CA TYR A 209 -19.12 -5.27 8.54
C TYR A 209 -19.04 -5.08 7.03
N LYS A 210 -18.00 -4.39 6.57
CA LYS A 210 -17.90 -4.13 5.13
C LYS A 210 -17.75 -5.41 4.33
N SER A 211 -16.96 -6.35 4.84
CA SER A 211 -16.82 -7.64 4.18
CA SER A 211 -16.80 -7.67 4.23
C SER A 211 -18.16 -8.38 4.11
N LYS A 212 -18.94 -8.34 5.19
CA LYS A 212 -20.26 -8.99 5.16
C LYS A 212 -21.18 -8.36 4.10
N VAL A 213 -21.18 -7.03 4.01
CA VAL A 213 -21.95 -6.33 2.95
C VAL A 213 -21.48 -6.77 1.55
N ARG A 214 -20.18 -6.63 1.27
CA ARG A 214 -19.67 -6.99 -0.05
C ARG A 214 -20.02 -8.42 -0.42
N ASN A 215 -19.83 -9.34 0.54
CA ASN A 215 -20.16 -10.75 0.29
C ASN A 215 -21.63 -10.98 -0.02
N SER A 216 -22.52 -10.21 0.62
CA SER A 216 -23.95 -10.30 0.34
CA SER A 216 -23.96 -10.29 0.34
C SER A 216 -24.28 -9.77 -1.07
N LEU A 217 -23.51 -8.78 -1.52
CA LEU A 217 -23.66 -8.25 -2.87
C LEU A 217 -23.26 -9.31 -3.88
N VAL A 218 -22.15 -10.00 -3.60
CA VAL A 218 -21.75 -11.12 -4.45
C VAL A 218 -22.87 -12.14 -4.52
N LYS A 219 -23.40 -12.54 -3.36
CA LYS A 219 -24.48 -13.53 -3.31
C LYS A 219 -25.71 -13.07 -4.10
N LYS A 220 -25.97 -11.77 -4.11
CA LYS A 220 -27.07 -11.21 -4.91
C LYS A 220 -26.86 -11.37 -6.43
N GLY A 221 -25.67 -11.81 -6.83
CA GLY A 221 -25.33 -11.91 -8.25
C GLY A 221 -24.73 -10.65 -8.87
N TYR A 222 -24.41 -9.64 -8.06
CA TYR A 222 -23.76 -8.45 -8.60
C TYR A 222 -22.29 -8.74 -8.96
N ASN A 223 -21.80 -8.03 -9.97
CA ASN A 223 -20.41 -8.15 -10.43
C ASN A 223 -19.62 -6.92 -10.00
N ILE A 224 -18.90 -7.03 -8.89
CA ILE A 224 -18.06 -5.92 -8.38
C ILE A 224 -16.81 -5.82 -9.24
N VAL A 225 -16.67 -4.71 -9.97
CA VAL A 225 -15.55 -4.52 -10.89
C VAL A 225 -14.50 -3.57 -10.31
N GLY A 226 -14.88 -2.88 -9.24
CA GLY A 226 -13.96 -1.88 -8.67
C GLY A 226 -14.37 -1.54 -7.26
N ASN A 227 -13.42 -1.03 -6.46
CA ASN A 227 -13.70 -0.70 -5.08
C ASN A 227 -12.76 0.44 -4.69
N ILE A 228 -13.31 1.56 -4.22
CA ILE A 228 -12.47 2.67 -3.84
C ILE A 228 -12.80 3.16 -2.42
N GLY A 229 -11.76 3.44 -1.66
CA GLY A 229 -11.95 3.89 -0.25
C GLY A 229 -10.65 4.42 0.27
N ASP A 230 -10.69 5.16 1.36
CA ASP A 230 -9.48 5.72 1.92
C ASP A 230 -8.80 4.87 3.01
N GLN A 231 -9.33 3.67 3.30
CA GLN A 231 -8.73 2.83 4.35
C GLN A 231 -8.52 1.49 3.74
N TRP A 232 -7.41 0.83 4.06
CA TRP A 232 -7.30 -0.60 3.63
C TRP A 232 -8.44 -1.48 4.08
N ALA A 233 -9.00 -1.19 5.25
CA ALA A 233 -10.19 -1.92 5.74
C ALA A 233 -11.34 -1.95 4.73
N ASP A 234 -11.47 -0.89 3.92
CA ASP A 234 -12.49 -0.80 2.89
C ASP A 234 -12.23 -1.77 1.72
N LEU A 235 -10.97 -2.19 1.59
CA LEU A 235 -10.45 -2.70 0.33
C LEU A 235 -9.95 -4.15 0.39
N VAL A 236 -10.30 -4.87 1.45
CA VAL A 236 -9.92 -6.29 1.58
C VAL A 236 -10.37 -7.02 0.32
N GLU A 237 -9.49 -7.82 -0.26
CA GLU A 237 -9.75 -8.42 -1.57
C GLU A 237 -10.38 -9.80 -1.47
N ASP A 238 -11.32 -9.95 -0.52
CA ASP A 238 -12.07 -11.20 -0.35
C ASP A 238 -13.30 -11.25 -1.25
N THR A 239 -13.61 -10.13 -1.91
CA THR A 239 -14.64 -10.10 -2.96
C THR A 239 -13.96 -9.53 -4.24
N PRO A 240 -14.60 -9.68 -5.43
CA PRO A 240 -13.92 -9.30 -6.68
C PRO A 240 -13.74 -7.79 -6.89
N GLY A 241 -12.85 -7.43 -7.81
CA GLY A 241 -12.73 -6.04 -8.28
C GLY A 241 -11.38 -5.47 -7.91
N ARG A 242 -10.84 -4.61 -8.78
CA ARG A 242 -9.58 -3.93 -8.47
C ARG A 242 -9.82 -2.84 -7.42
N VAL A 243 -8.90 -2.73 -6.44
CA VAL A 243 -9.05 -1.79 -5.32
C VAL A 243 -8.14 -0.57 -5.52
N PHE A 244 -8.64 0.58 -5.05
CA PHE A 244 -7.91 1.83 -5.15
C PHE A 244 -8.01 2.50 -3.81
N LYS A 245 -6.85 2.90 -3.29
CA LYS A 245 -6.71 3.42 -1.96
C LYS A 245 -6.49 4.93 -2.02
N LEU A 246 -7.49 5.70 -1.60
CA LEU A 246 -7.36 7.17 -1.51
C LEU A 246 -6.53 7.50 -0.28
N PRO A 247 -5.79 8.62 -0.30
CA PRO A 247 -4.96 9.03 0.83
C PRO A 247 -5.75 9.51 2.03
N ASN A 248 -5.24 9.20 3.21
CA ASN A 248 -5.84 9.69 4.45
C ASN A 248 -4.82 9.63 5.57
N PRO A 249 -4.23 10.78 5.91
CA PRO A 249 -3.29 10.85 7.03
C PRO A 249 -3.96 10.99 8.42
N LEU A 250 -5.28 11.19 8.46
CA LEU A 250 -5.96 11.56 9.70
C LEU A 250 -6.16 10.46 10.74
N TYR A 251 -6.48 9.25 10.29
CA TYR A 251 -6.78 8.16 11.21
C TYR A 251 -6.60 6.86 10.45
N TYR A 252 -6.57 5.76 11.20
CA TYR A 252 -6.41 4.40 10.68
C TYR A 252 -7.53 3.52 11.18
N VAL A 253 -8.19 2.81 10.26
CA VAL A 253 -9.24 1.86 10.61
C VAL A 253 -8.62 0.44 10.59
N PRO A 254 -8.71 -0.30 11.69
CA PRO A 254 -8.10 -1.64 11.70
C PRO A 254 -8.61 -2.50 10.56
N SER A 255 -7.72 -3.35 10.04
CA SER A 255 -7.98 -4.09 8.83
C SER A 255 -7.60 -5.52 9.07
N LEU A 256 -7.63 -6.31 8.01
CA LEU A 256 -7.35 -7.74 8.07
C LEU A 256 -6.72 -8.11 6.73
N GLU A 257 -5.81 -9.06 6.74
CA GLU A 257 -5.15 -9.45 5.48
C GLU A 257 -5.91 -10.59 4.79
N HIS A 258 -6.04 -10.51 3.46
CA HIS A 258 -6.70 -11.58 2.70
C HIS A 258 -5.71 -12.62 2.29
N HIS A 259 -5.88 -13.82 2.85
CA HIS A 259 -5.03 -14.98 2.55
C HIS A 259 -5.17 -15.43 1.11
N HIS A 260 -4.05 -15.44 0.38
CA HIS A 260 -3.98 -15.93 -1.00
C HIS A 260 -3.70 -17.42 -1.03
N HIS A 261 -3.86 -18.02 -2.21
CA HIS A 261 -3.46 -19.41 -2.42
C HIS A 261 -2.54 -19.50 -3.60
N SER B 36 -0.01 7.16 -22.27
CA SER B 36 -1.48 7.46 -22.26
C SER B 36 -1.91 8.39 -21.12
N ILE B 37 -1.55 8.04 -19.88
CA ILE B 37 -1.87 8.87 -18.73
C ILE B 37 -0.70 9.81 -18.42
N ASN B 38 -0.99 11.10 -18.34
CA ASN B 38 0.01 12.05 -17.88
C ASN B 38 0.01 12.01 -16.35
N TYR B 39 1.20 12.19 -15.79
CA TYR B 39 1.35 12.29 -14.36
C TYR B 39 1.93 13.66 -14.08
N PRO B 40 1.05 14.69 -13.96
CA PRO B 40 1.55 16.06 -13.80
C PRO B 40 2.27 16.29 -12.48
N ASN B 41 1.93 15.51 -11.45
CA ASN B 41 2.62 15.66 -10.19
C ASN B 41 3.38 14.37 -9.85
N CYS B 42 4.71 14.48 -9.83
CA CYS B 42 5.56 13.31 -9.68
C CYS B 42 5.43 12.60 -8.31
N ARG B 43 5.29 13.38 -7.24
CA ARG B 43 5.01 12.84 -5.89
C ARG B 43 3.71 12.03 -5.87
N SER B 44 2.69 12.53 -6.59
CA SER B 44 1.42 11.82 -6.70
C SER B 44 1.58 10.49 -7.42
N TRP B 45 2.37 10.49 -8.49
CA TRP B 45 2.65 9.24 -9.23
C TRP B 45 3.36 8.27 -8.32
N HIS B 46 4.34 8.77 -7.58
CA HIS B 46 5.16 7.93 -6.72
C HIS B 46 4.33 7.28 -5.62
N LEU B 47 3.45 8.05 -4.98
CA LEU B 47 2.53 7.48 -4.00
C LEU B 47 1.65 6.39 -4.62
N GLY B 48 1.19 6.64 -5.86
CA GLY B 48 0.36 5.68 -6.59
C GLY B 48 1.07 4.35 -6.76
N VAL B 49 2.35 4.42 -7.11
CA VAL B 49 3.13 3.18 -7.32
CA VAL B 49 3.19 3.22 -7.30
C VAL B 49 3.42 2.47 -5.98
N GLU B 50 3.75 3.23 -4.93
CA GLU B 50 4.03 2.64 -3.60
C GLU B 50 2.81 1.90 -3.00
N THR B 51 1.60 2.36 -3.36
CA THR B 51 0.37 1.85 -2.79
C THR B 51 -0.27 0.79 -3.69
N SER B 52 0.34 0.56 -4.87
CA SER B 52 -0.21 -0.29 -5.91
C SER B 52 -1.53 0.22 -6.51
N ASN B 53 -1.79 1.53 -6.40
CA ASN B 53 -2.82 2.19 -7.18
C ASN B 53 -2.42 2.27 -8.66
N ILE B 54 -1.13 2.44 -8.90
CA ILE B 54 -0.56 2.42 -10.25
C ILE B 54 0.31 1.20 -10.38
N ILE B 55 -0.03 0.33 -11.33
CA ILE B 55 0.69 -0.90 -11.57
C ILE B 55 1.14 -1.05 -13.04
N ASN B 56 2.05 -2.00 -13.30
CA ASN B 56 2.48 -2.32 -14.67
C ASN B 56 3.09 -1.14 -15.48
N PHE B 57 3.85 -0.25 -14.84
CA PHE B 57 4.56 0.78 -15.62
C PHE B 57 5.88 0.22 -16.15
N ASP B 58 6.13 0.44 -17.43
CA ASP B 58 7.35 -0.10 -18.05
C ASP B 58 8.53 0.81 -17.79
N THR B 59 8.24 2.09 -17.71
CA THR B 59 9.25 3.05 -17.39
C THR B 59 8.63 4.09 -16.48
N VAL B 60 9.47 4.78 -15.74
CA VAL B 60 9.14 5.99 -14.99
C VAL B 60 8.76 7.07 -16.00
N PRO B 61 7.67 7.82 -15.75
CA PRO B 61 7.31 8.92 -16.67
C PRO B 61 8.45 9.93 -16.84
N ALA B 62 8.69 10.29 -18.11
CA ALA B 62 9.80 11.18 -18.48
C ALA B 62 9.90 12.45 -17.65
N ASN B 63 8.75 13.07 -17.38
CA ASN B 63 8.73 14.28 -16.63
C ASN B 63 9.09 14.05 -15.16
N CYS B 64 9.14 12.77 -14.76
CA CYS B 64 9.49 12.45 -13.37
C CYS B 64 10.97 12.12 -13.08
N LYS B 65 11.83 12.23 -14.10
CA LYS B 65 13.26 11.93 -13.92
C LYS B 65 13.93 12.73 -12.80
N ALA B 66 13.73 14.04 -12.79
CA ALA B 66 14.39 14.86 -11.79
C ALA B 66 13.85 14.59 -10.38
N TYR B 67 12.55 14.32 -10.30
CA TYR B 67 11.93 13.95 -9.02
C TYR B 67 12.60 12.68 -8.46
N VAL B 68 12.76 11.68 -9.31
CA VAL B 68 13.32 10.40 -8.88
C VAL B 68 14.77 10.60 -8.40
N GLU B 69 15.58 11.28 -9.20
CA GLU B 69 16.94 11.57 -8.78
C GLU B 69 16.99 12.31 -7.46
N ASP B 70 16.13 13.30 -7.30
CA ASP B 70 16.17 14.09 -6.09
C ASP B 70 15.64 13.28 -4.89
N TYR B 71 14.62 12.46 -5.14
CA TYR B 71 14.06 11.58 -4.09
C TYR B 71 15.15 10.62 -3.57
N LEU B 72 15.74 9.90 -4.52
CA LEU B 72 16.75 8.86 -4.22
C LEU B 72 18.08 9.36 -3.67
N ILE B 73 18.53 10.54 -4.12
CA ILE B 73 19.86 11.04 -3.74
C ILE B 73 19.81 12.38 -3.00
N THR B 74 19.51 13.45 -3.72
CA THR B 74 19.69 14.80 -3.17
C THR B 74 18.89 15.09 -1.89
N SER B 75 17.59 14.82 -1.93
CA SER B 75 16.70 15.17 -0.83
C SER B 75 16.93 14.30 0.40
N LYS B 76 17.57 13.14 0.23
CA LYS B 76 17.62 12.08 1.25
C LYS B 76 16.24 11.51 1.72
N GLN B 77 15.15 11.81 0.99
CA GLN B 77 13.82 11.30 1.37
C GLN B 77 13.77 9.76 1.27
N TYR B 78 14.46 9.21 0.29
CA TYR B 78 14.55 7.73 0.15
C TYR B 78 15.12 7.09 1.40
N GLN B 79 16.23 7.65 1.89
CA GLN B 79 16.83 7.26 3.17
C GLN B 79 15.87 7.40 4.36
N TYR B 80 15.18 8.54 4.45
CA TYR B 80 14.25 8.73 5.56
C TYR B 80 13.07 7.72 5.49
N ASP B 81 12.51 7.57 4.29
CA ASP B 81 11.43 6.58 4.04
C ASP B 81 11.89 5.19 4.40
N SER B 82 13.08 4.80 3.95
CA SER B 82 13.67 3.48 4.23
C SER B 82 13.91 3.21 5.71
N LYS B 83 14.41 4.22 6.41
CA LYS B 83 14.67 4.11 7.83
C LYS B 83 13.38 3.87 8.62
N THR B 84 12.30 4.57 8.26
CA THR B 84 11.01 4.45 8.95
C THR B 84 10.49 3.04 8.72
N VAL B 85 10.57 2.55 7.49
CA VAL B 85 10.10 1.16 7.24
C VAL B 85 10.85 0.13 8.09
N ASN B 86 12.18 0.15 8.01
CA ASN B 86 13.02 -0.77 8.76
C ASN B 86 12.85 -0.68 10.28
N LYS B 87 12.61 0.52 10.78
CA LYS B 87 12.35 0.75 12.22
C LYS B 87 11.02 0.15 12.64
N GLU B 88 10.03 0.23 11.75
CA GLU B 88 8.72 -0.32 12.06
C GLU B 88 8.82 -1.85 12.11
N ALA B 89 9.56 -2.41 11.16
CA ALA B 89 9.79 -3.86 11.10
C ALA B 89 10.50 -4.32 12.38
N TYR B 90 11.45 -3.54 12.87
CA TYR B 90 12.24 -3.91 14.04
C TYR B 90 11.39 -3.84 15.33
N PHE B 91 10.55 -2.83 15.45
CA PHE B 91 9.71 -2.73 16.65
C PHE B 91 8.70 -3.82 16.75
N TYR B 92 8.18 -4.19 15.58
CA TYR B 92 7.35 -5.40 15.47
C TYR B 92 8.13 -6.69 15.83
N ALA B 93 9.27 -6.91 15.17
CA ALA B 93 10.13 -8.06 15.45
C ALA B 93 10.49 -8.19 16.94
N LYS B 94 10.89 -7.09 17.60
CA LYS B 94 11.36 -7.22 18.97
C LYS B 94 10.23 -7.42 20.00
N GLY B 95 8.97 -7.35 19.54
CA GLY B 95 7.82 -7.66 20.40
C GLY B 95 7.34 -9.12 20.29
N LEU B 96 7.92 -9.89 19.38
CA LEU B 96 7.47 -11.29 19.21
C LEU B 96 8.04 -12.21 20.31
N ALA B 97 7.22 -13.15 20.77
CA ALA B 97 7.63 -14.07 21.83
C ALA B 97 8.05 -15.30 21.06
N LEU B 98 9.35 -15.50 20.87
CA LEU B 98 9.83 -16.59 20.01
C LEU B 98 10.05 -17.84 20.82
N LYS B 99 9.60 -18.97 20.26
CA LYS B 99 9.70 -20.27 20.89
C LYS B 99 11.01 -20.93 20.45
N ASN B 100 11.61 -21.68 21.37
CA ASN B 100 12.91 -22.30 21.12
C ASN B 100 12.86 -23.55 20.25
N ASP B 101 11.65 -24.04 19.99
CA ASP B 101 11.46 -25.33 19.32
C ASP B 101 11.13 -25.26 17.82
N THR B 102 11.10 -24.06 17.26
CA THR B 102 10.92 -23.89 15.84
C THR B 102 11.88 -22.93 15.22
N VAL B 103 12.03 -23.06 13.92
CA VAL B 103 12.95 -22.17 13.22
C VAL B 103 12.18 -20.88 12.89
N ASN B 104 12.56 -19.78 13.52
CA ASN B 104 11.88 -18.49 13.32
C ASN B 104 12.63 -17.68 12.27
N VAL B 105 11.95 -17.36 11.17
CA VAL B 105 12.63 -16.75 10.01
C VAL B 105 12.01 -15.44 9.54
N TRP B 106 12.83 -14.64 8.88
CA TRP B 106 12.39 -13.41 8.24
C TRP B 106 12.86 -13.42 6.81
N ILE B 107 11.93 -13.21 5.89
CA ILE B 107 12.26 -13.23 4.47
CA ILE B 107 12.22 -13.23 4.46
C ILE B 107 12.76 -11.87 4.00
N PHE B 108 13.90 -11.89 3.32
CA PHE B 108 14.47 -10.70 2.64
C PHE B 108 14.52 -10.96 1.15
N ASP B 109 14.13 -9.94 0.40
CA ASP B 109 14.49 -9.80 -0.99
C ASP B 109 15.95 -9.30 -1.06
N LEU B 110 16.55 -9.36 -2.24
CA LEU B 110 17.91 -8.90 -2.43
C LEU B 110 17.99 -7.56 -3.13
N ASP B 111 17.70 -7.54 -4.44
CA ASP B 111 17.91 -6.31 -5.24
C ASP B 111 16.96 -5.18 -4.83
N ASP B 112 17.55 -4.06 -4.41
CA ASP B 112 16.77 -2.93 -3.93
C ASP B 112 16.06 -3.15 -2.59
N THR B 113 16.55 -4.16 -1.86
CA THR B 113 16.15 -4.39 -0.46
C THR B 113 17.42 -4.41 0.40
N LEU B 114 18.36 -5.31 0.06
CA LEU B 114 19.68 -5.31 0.70
C LEU B 114 20.78 -4.62 -0.12
N LEU B 115 20.71 -4.77 -1.44
CA LEU B 115 21.69 -4.23 -2.40
C LEU B 115 21.00 -3.29 -3.40
N SER B 116 21.64 -2.16 -3.69
CA SER B 116 21.05 -1.07 -4.48
C SER B 116 21.41 -1.14 -5.96
N SER B 117 20.41 -1.10 -6.83
CA SER B 117 20.69 -1.01 -8.27
C SER B 117 20.80 0.44 -8.76
N ILE B 118 20.79 1.39 -7.83
CA ILE B 118 20.81 2.82 -8.17
C ILE B 118 21.96 3.21 -9.12
N PRO B 119 23.23 2.82 -8.78
CA PRO B 119 24.31 3.15 -9.75
C PRO B 119 24.03 2.69 -11.19
N TYR B 120 23.37 1.55 -11.37
CA TYR B 120 23.02 1.08 -12.71
C TYR B 120 21.93 1.94 -13.34
N TYR B 121 20.82 2.12 -12.62
CA TYR B 121 19.72 2.95 -13.12
C TYR B 121 20.12 4.39 -13.36
N ALA B 122 21.06 4.88 -12.56
CA ALA B 122 21.53 6.27 -12.68
C ALA B 122 22.11 6.51 -14.07
N LYS B 123 22.75 5.49 -14.64
CA LYS B 123 23.36 5.60 -15.97
C LYS B 123 22.29 5.58 -17.03
N TYR B 124 21.16 4.94 -16.73
CA TYR B 124 20.06 4.83 -17.68
C TYR B 124 18.83 5.68 -17.34
N GLY B 125 19.08 6.83 -16.76
CA GLY B 125 18.04 7.85 -16.62
C GLY B 125 17.06 7.57 -15.49
N TYR B 126 17.53 6.87 -14.46
CA TYR B 126 16.72 6.65 -13.26
C TYR B 126 15.35 6.03 -13.53
N GLY B 127 15.32 5.06 -14.43
CA GLY B 127 14.09 4.30 -14.70
C GLY B 127 13.27 4.82 -15.87
N THR B 128 13.58 6.03 -16.34
CA THR B 128 12.84 6.63 -17.49
C THR B 128 13.19 5.99 -18.84
N GLU B 129 14.31 5.31 -18.92
CA GLU B 129 14.71 4.68 -20.19
C GLU B 129 14.41 3.19 -20.17
N ASN B 130 14.13 2.63 -21.33
CA ASN B 130 13.95 1.18 -21.42
C ASN B 130 15.31 0.52 -21.23
N THR B 131 15.36 -0.60 -20.54
CA THR B 131 16.60 -1.36 -20.40
C THR B 131 16.30 -2.75 -20.91
N ALA B 132 17.28 -3.35 -21.58
CA ALA B 132 17.10 -4.68 -22.15
C ALA B 132 17.14 -5.75 -21.05
N PRO B 133 16.29 -6.79 -21.16
CA PRO B 133 16.33 -7.86 -20.15
C PRO B 133 17.66 -8.63 -20.19
N GLY B 134 18.26 -8.84 -19.02
CA GLY B 134 19.55 -9.49 -18.94
C GLY B 134 20.71 -8.52 -18.79
N ALA B 135 20.48 -7.25 -19.10
CA ALA B 135 21.54 -6.25 -19.07
C ALA B 135 22.02 -5.97 -17.65
N TYR B 136 21.08 -5.83 -16.72
CA TYR B 136 21.46 -5.63 -15.33
C TYR B 136 22.28 -6.83 -14.83
N TRP B 137 21.86 -8.04 -15.17
CA TRP B 137 22.63 -9.22 -14.79
C TRP B 137 24.02 -9.23 -15.37
N SER B 138 24.15 -8.84 -16.64
CA SER B 138 25.46 -8.75 -17.29
C SER B 138 26.34 -7.75 -16.57
N TRP B 139 25.74 -6.61 -16.22
CA TRP B 139 26.42 -5.61 -15.42
C TRP B 139 26.94 -6.20 -14.12
N LEU B 140 26.13 -7.02 -13.47
CA LEU B 140 26.55 -7.68 -12.22
C LEU B 140 27.70 -8.65 -12.46
N GLU B 141 27.67 -9.35 -13.59
CA GLU B 141 28.77 -10.22 -14.00
C GLU B 141 30.08 -9.50 -14.37
N SER B 142 30.00 -8.20 -14.65
CA SER B 142 31.16 -7.44 -15.15
C SER B 142 32.19 -7.06 -14.08
N GLY B 143 31.92 -7.42 -12.83
CA GLY B 143 32.73 -6.99 -11.70
C GLY B 143 32.16 -5.79 -10.97
N GLU B 144 30.93 -5.40 -11.32
CA GLU B 144 30.33 -4.21 -10.75
C GLU B 144 29.63 -4.51 -9.43
N SER B 145 30.12 -3.89 -8.36
CA SER B 145 29.51 -4.10 -7.05
C SER B 145 28.33 -3.16 -6.86
N THR B 146 27.41 -3.55 -6.00
CA THR B 146 26.28 -2.69 -5.64
C THR B 146 26.47 -2.19 -4.21
N PRO B 147 26.10 -0.92 -3.95
CA PRO B 147 26.21 -0.48 -2.57
C PRO B 147 25.13 -1.17 -1.71
N GLY B 148 25.41 -1.30 -0.41
CA GLY B 148 24.43 -1.87 0.50
C GLY B 148 23.37 -0.83 0.82
N LEU B 149 22.18 -1.30 1.17
CA LEU B 149 21.16 -0.37 1.69
C LEU B 149 21.23 -0.37 3.23
N PRO B 150 21.89 0.64 3.84
CA PRO B 150 22.22 0.50 5.26
C PRO B 150 21.03 0.40 6.23
N GLU B 151 19.85 0.89 5.86
CA GLU B 151 18.70 0.80 6.79
C GLU B 151 18.21 -0.63 6.87
N THR B 152 18.25 -1.31 5.73
CA THR B 152 17.88 -2.72 5.70
C THR B 152 18.99 -3.58 6.34
N LEU B 153 20.24 -3.28 6.04
CA LEU B 153 21.36 -3.95 6.69
C LEU B 153 21.27 -3.82 8.24
N HIS B 154 20.94 -2.64 8.78
CA HIS B 154 20.73 -2.51 10.22
CA HIS B 154 20.72 -2.49 10.23
C HIS B 154 19.63 -3.46 10.68
N LEU B 155 18.52 -3.55 9.93
CA LEU B 155 17.43 -4.46 10.32
C LEU B 155 17.93 -5.90 10.31
N TYR B 156 18.63 -6.28 9.24
CA TYR B 156 19.20 -7.63 9.12
C TYR B 156 20.05 -8.01 10.36
N GLU B 157 20.93 -7.09 10.77
CA GLU B 157 21.79 -7.30 11.95
C GLU B 157 20.97 -7.39 13.27
N ASN B 158 19.96 -6.54 13.38
CA ASN B 158 19.05 -6.57 14.54
C ASN B 158 18.27 -7.86 14.66
N LEU B 159 17.78 -8.38 13.55
CA LEU B 159 17.04 -9.65 13.55
C LEU B 159 17.92 -10.83 14.01
N LEU B 160 19.15 -10.87 13.52
CA LEU B 160 20.11 -11.88 13.98
C LEU B 160 20.31 -11.78 15.50
N GLU B 161 20.38 -10.58 16.04
CA GLU B 161 20.56 -10.39 17.48
C GLU B 161 19.32 -10.91 18.25
N LEU B 162 18.14 -10.77 17.66
CA LEU B 162 16.89 -11.25 18.27
C LEU B 162 16.75 -12.78 18.12
N GLY B 163 17.65 -13.37 17.35
CA GLY B 163 17.54 -14.83 17.08
C GLY B 163 16.56 -15.23 15.99
N ILE B 164 16.20 -14.27 15.15
CA ILE B 164 15.37 -14.57 13.99
C ILE B 164 16.32 -14.84 12.80
N GLU B 165 16.04 -15.86 12.03
CA GLU B 165 16.99 -16.30 11.01
C GLU B 165 16.60 -15.78 9.64
N PRO B 166 17.39 -14.86 9.04
CA PRO B 166 17.08 -14.35 7.70
C PRO B 166 17.19 -15.41 6.63
N ILE B 167 16.22 -15.42 5.72
CA ILE B 167 16.28 -16.19 4.48
C ILE B 167 16.19 -15.15 3.37
N ILE B 168 17.19 -15.15 2.50
CA ILE B 168 17.22 -14.18 1.40
C ILE B 168 16.70 -14.91 0.18
N ILE B 169 15.60 -14.43 -0.39
CA ILE B 169 15.09 -15.02 -1.65
C ILE B 169 15.30 -14.06 -2.80
N SER B 170 16.06 -14.48 -3.80
CA SER B 170 16.38 -13.62 -4.94
C SER B 170 15.95 -14.21 -6.30
N ASP B 171 15.50 -13.33 -7.20
CA ASP B 171 15.14 -13.73 -8.57
CA ASP B 171 15.16 -13.81 -8.55
C ASP B 171 16.40 -13.87 -9.46
N ARG B 172 17.58 -13.53 -8.91
CA ARG B 172 18.83 -13.66 -9.68
C ARG B 172 18.99 -15.14 -10.00
N TRP B 173 19.50 -15.44 -11.18
CA TRP B 173 19.79 -16.84 -11.57
C TRP B 173 20.90 -17.43 -10.72
N LYS B 174 20.81 -18.74 -10.44
CA LYS B 174 21.83 -19.44 -9.62
C LYS B 174 23.27 -19.22 -10.10
N LYS B 175 23.47 -19.06 -11.41
CA LYS B 175 24.80 -18.76 -11.95
C LYS B 175 25.41 -17.50 -11.33
N LEU B 176 24.56 -16.63 -10.80
CA LEU B 176 25.06 -15.43 -10.13
C LEU B 176 25.37 -15.60 -8.64
N SER B 177 25.34 -16.85 -8.14
CA SER B 177 25.57 -17.10 -6.71
C SER B 177 26.88 -16.54 -6.14
N GLU B 178 28.00 -16.88 -6.79
CA GLU B 178 29.31 -16.40 -6.36
C GLU B 178 29.40 -14.88 -6.33
N VAL B 179 28.95 -14.23 -7.41
CA VAL B 179 29.02 -12.75 -7.41
C VAL B 179 28.10 -12.10 -6.35
N THR B 180 26.94 -12.72 -6.13
CA THR B 180 26.00 -12.27 -5.10
C THR B 180 26.57 -12.40 -3.70
N VAL B 181 27.21 -13.54 -3.43
CA VAL B 181 27.81 -13.75 -2.11
C VAL B 181 28.94 -12.76 -1.86
N GLU B 182 29.71 -12.49 -2.91
CA GLU B 182 30.80 -11.55 -2.78
C GLU B 182 30.27 -10.16 -2.42
N ASN B 183 29.22 -9.74 -3.12
CA ASN B 183 28.62 -8.43 -2.86
C ASN B 183 28.04 -8.31 -1.45
N LEU B 184 27.37 -9.37 -0.99
CA LEU B 184 26.85 -9.41 0.37
C LEU B 184 27.99 -9.29 1.40
N LYS B 185 29.09 -9.99 1.15
CA LYS B 185 30.24 -9.94 2.06
C LYS B 185 30.77 -8.52 2.13
N ALA B 186 30.84 -7.86 0.98
CA ALA B 186 31.35 -6.50 0.90
C ALA B 186 30.49 -5.49 1.69
N VAL B 187 29.22 -5.80 1.90
CA VAL B 187 28.34 -4.91 2.66
C VAL B 187 28.13 -5.42 4.11
N GLY B 188 28.86 -6.47 4.48
CA GLY B 188 28.83 -6.97 5.85
C GLY B 188 27.76 -8.03 6.10
N VAL B 189 27.25 -8.65 5.05
CA VAL B 189 26.28 -9.73 5.23
C VAL B 189 26.98 -11.05 4.92
N THR B 190 27.18 -11.90 5.94
CA THR B 190 27.85 -13.19 5.71
C THR B 190 27.13 -14.40 6.34
N LYS B 191 26.11 -14.13 7.15
CA LYS B 191 25.34 -15.17 7.82
C LYS B 191 23.88 -15.17 7.35
N TRP B 192 23.35 -16.34 6.98
CA TRP B 192 21.92 -16.45 6.68
C TRP B 192 21.54 -17.86 6.89
N LYS B 193 20.26 -18.12 7.10
CA LYS B 193 19.75 -19.50 7.14
C LYS B 193 19.77 -20.11 5.74
N HIS B 194 19.26 -19.36 4.75
CA HIS B 194 19.33 -19.76 3.34
C HIS B 194 19.46 -18.55 2.46
N LEU B 195 20.22 -18.71 1.38
CA LEU B 195 20.21 -17.75 0.27
C LEU B 195 19.73 -18.50 -0.97
N ILE B 196 18.55 -18.14 -1.49
CA ILE B 196 17.85 -18.95 -2.49
C ILE B 196 17.77 -18.13 -3.77
N LEU B 197 18.39 -18.66 -4.83
CA LEU B 197 18.37 -18.05 -6.16
C LEU B 197 17.56 -18.91 -7.11
N LYS B 198 17.22 -18.34 -8.26
CA LYS B 198 16.31 -18.92 -9.22
C LYS B 198 17.03 -19.89 -10.17
N PRO B 199 16.44 -21.08 -10.42
CA PRO B 199 17.05 -22.04 -11.35
C PRO B 199 17.40 -21.38 -12.68
N ASN B 200 18.63 -21.58 -13.16
CA ASN B 200 19.05 -21.03 -14.47
C ASN B 200 18.03 -21.34 -15.57
N GLY B 201 17.73 -20.34 -16.39
CA GLY B 201 16.70 -20.49 -17.44
C GLY B 201 15.33 -20.98 -16.97
N SER B 202 14.97 -20.71 -15.71
CA SER B 202 13.62 -20.99 -15.22
C SER B 202 12.62 -20.17 -16.03
N LYS B 203 11.45 -20.73 -16.26
CA LYS B 203 10.43 -20.06 -17.03
C LYS B 203 9.41 -19.32 -16.14
N LEU B 204 9.68 -19.27 -14.84
CA LEU B 204 8.67 -18.75 -13.90
C LEU B 204 8.74 -17.22 -13.79
N THR B 205 7.59 -16.58 -13.65
CA THR B 205 7.54 -15.17 -13.30
C THR B 205 8.10 -14.95 -11.88
N GLN B 206 8.55 -13.73 -11.56
CA GLN B 206 9.17 -13.50 -10.25
CA GLN B 206 9.16 -13.46 -10.26
C GLN B 206 8.19 -13.79 -9.12
N VAL B 207 6.93 -13.34 -9.28
CA VAL B 207 5.90 -13.53 -8.26
C VAL B 207 5.60 -15.02 -8.00
N VAL B 208 5.58 -15.83 -9.06
CA VAL B 208 5.28 -17.26 -8.94
C VAL B 208 6.47 -18.00 -8.34
N TYR B 209 7.68 -17.73 -8.84
CA TYR B 209 8.91 -18.31 -8.28
C TYR B 209 9.01 -18.01 -6.77
N LYS B 210 8.80 -16.76 -6.36
CA LYS B 210 8.96 -16.48 -4.93
C LYS B 210 7.87 -17.13 -4.08
N SER B 211 6.67 -17.21 -4.62
CA SER B 211 5.61 -17.92 -3.91
C SER B 211 5.93 -19.41 -3.76
N LYS B 212 6.48 -20.03 -4.81
CA LYS B 212 6.91 -21.44 -4.72
C LYS B 212 7.92 -21.66 -3.60
N VAL B 213 8.94 -20.80 -3.55
CA VAL B 213 9.95 -20.85 -2.51
C VAL B 213 9.37 -20.67 -1.09
N ARG B 214 8.57 -19.63 -0.86
CA ARG B 214 7.99 -19.40 0.46
C ARG B 214 7.13 -20.61 0.92
N ASN B 215 6.34 -21.15 0.01
CA ASN B 215 5.52 -22.33 0.31
C ASN B 215 6.36 -23.58 0.65
N SER B 216 7.51 -23.73 0.00
CA SER B 216 8.41 -24.82 0.34
C SER B 216 9.01 -24.60 1.75
N LEU B 217 9.23 -23.34 2.12
CA LEU B 217 9.72 -23.03 3.44
C LEU B 217 8.72 -23.37 4.55
N VAL B 218 7.45 -23.06 4.31
CA VAL B 218 6.39 -23.39 5.27
C VAL B 218 6.35 -24.91 5.42
N LYS B 219 6.35 -25.59 4.28
CA LYS B 219 6.29 -27.05 4.21
C LYS B 219 7.40 -27.72 5.00
N LYS B 220 8.59 -27.13 5.01
CA LYS B 220 9.69 -27.62 5.86
C LYS B 220 9.52 -27.33 7.35
N GLY B 221 8.43 -26.62 7.74
CA GLY B 221 8.12 -26.32 9.14
C GLY B 221 8.66 -25.00 9.68
N TYR B 222 9.16 -24.14 8.80
CA TYR B 222 9.74 -22.88 9.25
C TYR B 222 8.63 -21.93 9.66
N ASN B 223 8.85 -21.15 10.71
CA ASN B 223 7.88 -20.15 11.16
C ASN B 223 8.26 -18.76 10.60
N ILE B 224 7.56 -18.33 9.56
CA ILE B 224 7.89 -17.04 8.93
C ILE B 224 7.20 -15.94 9.71
N VAL B 225 7.98 -15.07 10.34
CA VAL B 225 7.40 -13.98 11.16
C VAL B 225 7.31 -12.62 10.46
N GLY B 226 8.08 -12.45 9.40
CA GLY B 226 8.02 -11.21 8.64
C GLY B 226 8.69 -11.38 7.30
N ASN B 227 8.49 -10.40 6.42
CA ASN B 227 8.93 -10.46 5.03
C ASN B 227 9.13 -9.01 4.59
N ILE B 228 10.32 -8.68 4.07
CA ILE B 228 10.61 -7.31 3.63
C ILE B 228 11.13 -7.33 2.20
N GLY B 229 10.65 -6.40 1.39
CA GLY B 229 11.04 -6.30 -0.02
C GLY B 229 10.54 -5.00 -0.62
N ASP B 230 11.10 -4.62 -1.76
CA ASP B 230 10.76 -3.36 -2.40
C ASP B 230 9.65 -3.48 -3.45
N GLN B 231 9.17 -4.71 -3.71
CA GLN B 231 8.03 -4.93 -4.65
C GLN B 231 6.90 -5.71 -3.95
N TRP B 232 5.66 -5.35 -4.24
CA TRP B 232 4.52 -6.04 -3.67
C TRP B 232 4.51 -7.48 -4.11
N ALA B 233 5.10 -7.73 -5.28
CA ALA B 233 5.34 -9.12 -5.75
C ALA B 233 6.11 -10.00 -4.73
N ASP B 234 7.00 -9.37 -3.95
CA ASP B 234 7.80 -10.09 -2.94
C ASP B 234 6.95 -10.46 -1.72
N LEU B 235 5.79 -9.80 -1.60
CA LEU B 235 5.06 -9.66 -0.34
C LEU B 235 3.65 -10.21 -0.39
N VAL B 236 3.38 -11.07 -1.38
CA VAL B 236 2.10 -11.74 -1.48
C VAL B 236 1.81 -12.45 -0.16
N GLU B 237 0.62 -12.22 0.38
CA GLU B 237 0.30 -12.77 1.69
C GLU B 237 -0.24 -14.20 1.67
N ASP B 238 0.48 -15.09 0.98
CA ASP B 238 0.04 -16.47 0.85
C ASP B 238 0.70 -17.38 1.89
N THR B 239 1.70 -16.85 2.58
CA THR B 239 2.39 -17.59 3.63
C THR B 239 2.40 -16.65 4.84
N PRO B 240 2.72 -17.16 6.05
CA PRO B 240 2.58 -16.31 7.24
C PRO B 240 3.56 -15.14 7.34
N GLY B 241 3.26 -14.19 8.22
CA GLY B 241 4.22 -13.15 8.66
C GLY B 241 3.82 -11.76 8.22
N ARG B 242 4.21 -10.74 8.97
CA ARG B 242 3.84 -9.36 8.60
C ARG B 242 4.75 -8.90 7.46
N VAL B 243 4.20 -8.20 6.46
CA VAL B 243 4.98 -7.75 5.29
C VAL B 243 5.33 -6.26 5.37
N PHE B 244 6.49 -5.89 4.83
CA PHE B 244 6.95 -4.47 4.83
C PHE B 244 7.44 -4.14 3.41
N LYS B 245 6.97 -3.02 2.85
CA LYS B 245 7.24 -2.62 1.46
C LYS B 245 8.27 -1.53 1.50
N LEU B 246 9.51 -1.82 1.10
CA LEU B 246 10.52 -0.75 0.94
C LEU B 246 10.23 0.11 -0.28
N PRO B 247 10.55 1.42 -0.23
CA PRO B 247 10.21 2.22 -1.41
C PRO B 247 11.06 1.85 -2.65
N ASN B 248 10.48 1.96 -3.83
CA ASN B 248 11.26 1.83 -5.08
C ASN B 248 10.55 2.55 -6.22
N PRO B 249 11.03 3.74 -6.59
CA PRO B 249 10.42 4.44 -7.71
C PRO B 249 10.94 4.02 -9.10
N LEU B 250 11.94 3.14 -9.15
CA LEU B 250 12.72 2.95 -10.37
C LEU B 250 12.05 2.03 -11.37
N TYR B 251 11.34 1.05 -10.86
CA TYR B 251 10.81 0.00 -11.71
C TYR B 251 9.79 -0.84 -11.00
N TYR B 252 9.10 -1.68 -11.78
CA TYR B 252 7.93 -2.38 -11.31
C TYR B 252 8.03 -3.86 -11.68
N VAL B 253 7.83 -4.73 -10.69
CA VAL B 253 7.77 -6.17 -10.95
C VAL B 253 6.31 -6.64 -10.85
N PRO B 254 5.76 -7.20 -11.95
CA PRO B 254 4.34 -7.59 -11.92
C PRO B 254 4.00 -8.54 -10.75
N SER B 255 2.80 -8.41 -10.22
CA SER B 255 2.37 -9.24 -9.11
C SER B 255 1.25 -10.17 -9.61
N LEU B 256 0.49 -10.77 -8.70
CA LEU B 256 -0.65 -11.63 -9.06
C LEU B 256 -1.67 -10.89 -9.94
MG MG C . -13.58 6.21 4.80
MG MG D . 13.87 -6.27 -5.11
#